data_4IVZ
#
_entry.id   4IVZ
#
_cell.length_a   47.540
_cell.length_b   146.700
_cell.length_c   47.790
_cell.angle_alpha   90.00
_cell.angle_beta   93.21
_cell.angle_gamma   90.00
#
_symmetry.space_group_name_H-M   'P 1 21 1'
#
loop_
_entity.id
_entity.type
_entity.pdbx_description
1 polymer 'Regulatory protein'
2 polymer "DNA (5'-D(*AP*TP*GP*TP*AP*GP*AP*CP*TP*AP*TP*AP*GP*TP*CP*GP*AP*CP*A)-3')"
3 polymer "DNA (5'-D(*TP*TP*GP*TP*CP*GP*AP*CP*TP*AP*TP*AP*GP*TP*CP*TP*AP*CP*A)-3')"
4 water water
#
loop_
_entity_poly.entity_id
_entity_poly.type
_entity_poly.pdbx_seq_one_letter_code
_entity_poly.pdbx_strand_id
1 'polypeptide(L)'
;GSHMESFLLSKVSFVIKKIRLEKGMTQEDLAYKSNLDRTFISGIERNSRNLTIKSLELIMKGLEVSDVVFFEMLIKEILK
HD
;
A,B,E,F
2 'polydeoxyribonucleotide' (DA)(DT)(DG)(DT)(DA)(DG)(DA)(DC)(DT)(DA)(DT)(DA)(DG)(DT)(DC)(DG)(DA)(DC)(DA) C,G
3 'polydeoxyribonucleotide' (DT)(DT)(DG)(DT)(DC)(DG)(DA)(DC)(DT)(DA)(DT)(DA)(DG)(DT)(DC)(DT)(DA)(DC)(DA) D,H
#
# COMPACT_ATOMS: atom_id res chain seq x y z
N GLU A 5 13.63 -1.10 9.77
CA GLU A 5 13.13 -2.04 10.82
C GLU A 5 12.38 -3.18 10.15
N SER A 6 11.32 -3.62 10.84
CA SER A 6 10.67 -4.90 10.61
C SER A 6 9.72 -4.90 9.39
N PHE A 7 9.91 -5.88 8.52
CA PHE A 7 9.07 -6.07 7.34
C PHE A 7 7.63 -6.22 7.79
N LEU A 8 7.37 -7.24 8.59
CA LEU A 8 6.05 -7.49 9.14
C LEU A 8 5.39 -6.27 9.79
N LEU A 9 6.08 -5.70 10.79
CA LEU A 9 5.51 -4.65 11.68
C LEU A 9 4.78 -3.61 10.91
N SER A 10 5.54 -2.97 10.02
CA SER A 10 5.03 -2.13 8.95
C SER A 10 3.70 -2.64 8.27
N LYS A 11 3.72 -3.81 7.61
CA LYS A 11 2.49 -4.37 6.99
C LYS A 11 1.34 -4.37 7.98
N VAL A 12 1.61 -4.87 9.19
CA VAL A 12 0.64 -4.82 10.30
C VAL A 12 0.06 -3.42 10.40
N SER A 13 0.91 -2.44 10.70
CA SER A 13 0.47 -1.04 10.78
C SER A 13 -0.44 -0.72 9.58
N PHE A 14 0.08 -0.93 8.35
CA PHE A 14 -0.67 -0.69 7.09
C PHE A 14 -2.07 -1.30 7.04
N VAL A 15 -2.21 -2.52 7.57
CA VAL A 15 -3.54 -3.13 7.72
C VAL A 15 -4.37 -2.41 8.80
N ILE A 16 -3.78 -2.08 9.93
CA ILE A 16 -4.63 -1.47 10.95
C ILE A 16 -5.29 -0.19 10.43
N LYS A 17 -4.49 0.61 9.72
CA LYS A 17 -4.89 1.92 9.24
C LYS A 17 -6.11 1.76 8.37
N LYS A 18 -5.90 1.05 7.26
CA LYS A 18 -6.93 0.69 6.30
C LYS A 18 -8.24 0.31 6.98
N ILE A 19 -8.24 -0.82 7.71
CA ILE A 19 -9.41 -1.19 8.54
C ILE A 19 -10.00 0.03 9.26
N ARG A 20 -9.16 0.74 10.03
CA ARG A 20 -9.61 1.83 10.90
C ARG A 20 -10.38 2.88 10.15
N LEU A 21 -9.74 3.37 9.09
CA LEU A 21 -10.38 4.18 8.04
C LEU A 21 -11.70 3.64 7.44
N GLU A 22 -11.64 2.46 6.79
CA GLU A 22 -12.86 1.83 6.25
C GLU A 22 -14.00 2.14 7.22
N LYS A 23 -13.87 1.61 8.44
CA LYS A 23 -14.81 1.84 9.53
C LYS A 23 -15.07 3.31 9.89
N GLY A 24 -14.34 4.24 9.26
CA GLY A 24 -14.46 5.70 9.51
C GLY A 24 -14.34 6.13 10.97
N MET A 25 -13.24 5.75 11.60
CA MET A 25 -12.99 6.11 12.98
C MET A 25 -11.79 7.06 13.05
N THR A 26 -11.79 7.98 14.01
CA THR A 26 -10.60 8.80 14.26
C THR A 26 -9.75 8.08 15.30
N GLN A 27 -8.50 8.51 15.40
CA GLN A 27 -7.49 7.74 16.15
C GLN A 27 -7.89 7.67 17.61
N GLU A 28 -8.33 8.81 18.15
CA GLU A 28 -8.74 8.87 19.55
C GLU A 28 -9.94 8.00 19.80
N ASP A 29 -10.73 7.75 18.75
CA ASP A 29 -11.92 6.91 18.90
C ASP A 29 -11.43 5.56 19.37
N LEU A 30 -10.76 4.91 18.46
CA LEU A 30 -10.08 3.65 18.65
C LEU A 30 -9.22 3.53 19.91
N ALA A 31 -8.74 4.66 20.39
CA ALA A 31 -7.78 4.64 21.43
C ALA A 31 -8.63 4.25 22.61
N TYR A 32 -9.80 4.89 22.65
CA TYR A 32 -10.77 4.68 23.68
C TYR A 32 -11.27 3.25 23.72
N LYS A 33 -11.76 2.75 22.57
CA LYS A 33 -12.30 1.40 22.38
C LYS A 33 -11.29 0.35 22.64
N SER A 34 -10.05 0.64 22.23
CA SER A 34 -8.93 -0.26 22.44
C SER A 34 -8.38 -0.04 23.82
N ASN A 35 -8.71 1.07 24.47
CA ASN A 35 -8.31 1.22 25.86
C ASN A 35 -6.80 1.46 25.87
N LEU A 36 -6.29 1.85 24.70
CA LEU A 36 -4.92 2.32 24.57
C LEU A 36 -4.88 3.86 24.52
N ASP A 37 -3.70 4.44 24.75
CA ASP A 37 -3.49 5.90 24.60
C ASP A 37 -3.22 6.32 23.13
N ARG A 38 -3.97 7.34 22.73
CA ARG A 38 -3.99 7.80 21.37
C ARG A 38 -2.63 7.89 20.74
N THR A 39 -1.70 8.43 21.51
CA THR A 39 -0.41 8.71 20.99
C THR A 39 0.18 7.40 20.46
N PHE A 40 0.13 6.37 21.30
CA PHE A 40 0.69 5.05 20.97
C PHE A 40 0.24 4.69 19.55
N ILE A 41 -1.06 4.83 19.31
CA ILE A 41 -1.74 4.48 18.04
C ILE A 41 -1.23 5.25 16.85
N SER A 42 -0.96 6.53 17.08
CA SER A 42 -0.30 7.33 16.10
C SER A 42 1.05 6.69 15.75
N GLY A 43 1.82 6.33 16.78
CA GLY A 43 3.17 5.84 16.60
C GLY A 43 3.04 4.67 15.68
N ILE A 44 2.03 3.87 15.98
CA ILE A 44 1.84 2.58 15.30
C ILE A 44 1.55 2.76 13.81
N GLU A 45 0.58 3.61 13.50
CA GLU A 45 0.22 3.94 12.11
C GLU A 45 1.37 4.58 11.38
N ARG A 46 1.91 5.65 11.95
CA ARG A 46 2.86 6.43 11.18
C ARG A 46 4.22 5.76 11.07
N ASN A 47 4.77 5.31 12.21
CA ASN A 47 6.19 4.89 12.29
C ASN A 47 6.40 3.42 12.51
N SER A 48 5.30 2.68 12.64
CA SER A 48 5.35 1.25 12.87
C SER A 48 6.11 0.87 14.13
N ARG A 49 5.72 1.41 15.29
CA ARG A 49 6.32 0.94 16.53
C ARG A 49 6.09 -0.56 16.60
N ASN A 50 6.92 -1.27 17.36
CA ASN A 50 6.51 -2.55 17.92
C ASN A 50 5.29 -2.34 18.86
N LEU A 51 4.38 -3.30 18.81
CA LEU A 51 3.32 -3.41 19.79
C LEU A 51 3.33 -4.84 20.29
N THR A 52 2.74 -5.13 21.45
CA THR A 52 2.65 -6.51 21.83
C THR A 52 1.36 -7.08 21.36
N ILE A 53 1.31 -8.42 21.36
CA ILE A 53 0.08 -9.13 21.08
C ILE A 53 -1.08 -8.73 22.06
N LYS A 54 -0.86 -8.52 23.36
CA LYS A 54 -1.99 -7.99 24.14
C LYS A 54 -2.44 -6.72 23.50
N SER A 55 -1.51 -5.92 23.00
CA SER A 55 -1.88 -4.66 22.35
C SER A 55 -2.69 -4.92 21.10
N LEU A 56 -2.20 -5.79 20.24
CA LEU A 56 -3.00 -6.15 19.08
C LEU A 56 -4.41 -6.69 19.39
N GLU A 57 -4.52 -7.61 20.35
CA GLU A 57 -5.79 -8.19 20.78
C GLU A 57 -6.81 -7.15 21.14
N LEU A 58 -6.38 -6.04 21.78
CA LEU A 58 -7.28 -4.85 22.02
C LEU A 58 -7.73 -4.22 20.73
N ILE A 59 -6.77 -3.80 19.94
CA ILE A 59 -7.07 -3.12 18.69
C ILE A 59 -7.96 -3.93 17.75
N MET A 60 -7.70 -5.23 17.58
CA MET A 60 -8.63 -6.11 16.83
C MET A 60 -10.09 -5.83 17.29
N LYS A 61 -10.25 -5.79 18.63
CA LYS A 61 -11.49 -5.59 19.37
C LYS A 61 -11.95 -4.13 19.34
N GLY A 62 -11.03 -3.23 19.06
CA GLY A 62 -11.35 -1.82 18.90
C GLY A 62 -11.94 -1.58 17.53
N LEU A 63 -11.40 -2.24 16.51
CA LEU A 63 -11.91 -2.07 15.14
C LEU A 63 -13.19 -2.91 14.95
N GLU A 64 -13.50 -3.70 15.99
CA GLU A 64 -14.54 -4.72 15.97
C GLU A 64 -14.40 -5.60 14.75
N VAL A 65 -13.21 -6.21 14.62
CA VAL A 65 -12.92 -7.15 13.52
C VAL A 65 -12.44 -8.50 14.11
N SER A 66 -12.76 -9.55 13.38
CA SER A 66 -12.44 -10.88 13.80
C SER A 66 -10.94 -11.11 13.66
N ASP A 67 -10.38 -11.73 14.70
CA ASP A 67 -8.97 -11.98 14.73
C ASP A 67 -8.62 -12.87 13.51
N VAL A 68 -9.53 -12.98 12.55
CA VAL A 68 -9.35 -13.92 11.46
C VAL A 68 -9.38 -13.14 10.16
N VAL A 69 -10.08 -12.01 10.18
CA VAL A 69 -10.18 -11.22 8.96
C VAL A 69 -8.91 -10.43 8.87
N PHE A 70 -8.55 -9.83 9.99
CA PHE A 70 -7.32 -9.09 10.08
C PHE A 70 -6.26 -9.96 9.43
N PHE A 71 -5.89 -11.02 10.14
CA PHE A 71 -4.87 -11.93 9.65
C PHE A 71 -5.00 -12.26 8.15
N GLU A 72 -6.23 -12.50 7.67
CA GLU A 72 -6.48 -12.77 6.25
C GLU A 72 -5.99 -11.62 5.37
N MET A 73 -6.48 -10.40 5.68
CA MET A 73 -6.11 -9.16 4.98
C MET A 73 -4.61 -9.09 4.95
N LEU A 74 -4.08 -9.19 6.16
CA LEU A 74 -2.67 -9.26 6.45
C LEU A 74 -1.95 -10.22 5.51
N ILE A 75 -2.51 -11.39 5.23
CA ILE A 75 -1.84 -12.31 4.31
C ILE A 75 -1.80 -11.78 2.89
N LYS A 76 -2.92 -11.25 2.41
CA LYS A 76 -2.97 -10.89 1.00
C LYS A 76 -2.01 -9.74 0.84
N GLU A 77 -2.05 -8.89 1.84
CA GLU A 77 -1.09 -7.83 2.00
C GLU A 77 0.34 -8.35 1.89
N ILE A 78 0.78 -9.13 2.89
CA ILE A 78 2.13 -9.74 2.91
C ILE A 78 2.51 -10.27 1.55
N LEU A 79 1.52 -10.61 0.74
CA LEU A 79 1.76 -11.14 -0.60
C LEU A 79 2.28 -10.11 -1.62
N LYS A 80 2.79 -9.00 -1.06
CA LYS A 80 3.82 -8.15 -1.64
C LYS A 80 4.12 -6.98 -0.69
N GLU B 5 -6.36 -13.50 30.65
CA GLU B 5 -5.39 -14.40 29.88
C GLU B 5 -5.66 -14.34 28.37
N SER B 6 -4.89 -13.54 27.63
CA SER B 6 -5.23 -13.25 26.24
C SER B 6 -5.49 -14.49 25.39
N PHE B 7 -6.73 -14.65 24.95
CA PHE B 7 -7.10 -15.67 23.96
C PHE B 7 -6.05 -15.73 22.83
N LEU B 8 -5.86 -14.59 22.16
CA LEU B 8 -4.88 -14.43 21.07
C LEU B 8 -3.51 -14.95 21.46
N LEU B 9 -3.16 -14.81 22.73
CA LEU B 9 -1.81 -15.11 23.20
C LEU B 9 -1.53 -16.59 23.21
N SER B 10 -2.35 -17.34 23.96
CA SER B 10 -2.21 -18.80 24.08
C SER B 10 -2.28 -19.46 22.69
N LYS B 11 -3.17 -18.93 21.86
CA LYS B 11 -3.26 -19.33 20.46
C LYS B 11 -2.00 -18.97 19.62
N VAL B 12 -1.25 -17.93 20.00
CA VAL B 12 0.08 -17.70 19.41
C VAL B 12 1.15 -18.67 19.92
N SER B 13 1.17 -18.93 21.22
CA SER B 13 2.18 -19.83 21.78
C SER B 13 2.05 -21.24 21.24
N PHE B 14 0.81 -21.71 21.16
CA PHE B 14 0.56 -23.11 20.78
C PHE B 14 1.17 -23.43 19.42
N VAL B 15 0.80 -22.66 18.41
CA VAL B 15 1.45 -22.68 17.08
C VAL B 15 3.01 -22.72 17.10
N ILE B 16 3.60 -21.99 18.04
CA ILE B 16 5.07 -21.85 18.16
C ILE B 16 5.66 -23.23 18.51
N LYS B 17 5.21 -23.75 19.66
CA LYS B 17 5.52 -25.10 20.12
C LYS B 17 5.17 -26.24 19.09
N LYS B 18 3.94 -26.19 18.57
CA LYS B 18 3.54 -27.06 17.48
C LYS B 18 4.62 -27.05 16.39
N ILE B 19 4.88 -25.89 15.78
CA ILE B 19 5.90 -25.81 14.75
C ILE B 19 7.25 -26.37 15.27
N ARG B 20 7.57 -26.04 16.52
CA ARG B 20 8.88 -26.36 17.05
C ARG B 20 9.08 -27.86 17.19
N LEU B 21 8.04 -28.60 17.58
CA LEU B 21 8.17 -30.04 17.79
C LEU B 21 8.09 -30.81 16.47
N GLU B 22 7.21 -30.36 15.56
CA GLU B 22 7.18 -30.80 14.16
C GLU B 22 8.58 -30.67 13.60
N LYS B 23 9.18 -29.48 13.71
CA LYS B 23 10.54 -29.28 13.20
C LYS B 23 11.58 -29.90 14.14
N GLY B 24 11.09 -30.42 15.26
CA GLY B 24 11.90 -31.17 16.22
C GLY B 24 13.03 -30.32 16.72
N MET B 25 12.88 -28.99 16.61
CA MET B 25 13.81 -28.04 17.22
C MET B 25 13.69 -28.11 18.73
N THR B 26 14.80 -27.81 19.40
CA THR B 26 14.72 -27.67 20.81
C THR B 26 14.42 -26.20 21.06
N GLN B 27 14.16 -25.83 22.31
CA GLN B 27 13.87 -24.44 22.65
C GLN B 27 15.15 -23.69 22.52
N GLU B 28 16.23 -24.28 23.01
CA GLU B 28 17.53 -23.68 22.85
C GLU B 28 17.73 -23.53 21.35
N ASP B 29 17.54 -24.62 20.63
CA ASP B 29 17.67 -24.55 19.18
C ASP B 29 16.93 -23.33 18.67
N LEU B 30 15.72 -23.11 19.15
CA LEU B 30 14.99 -21.91 18.73
C LEU B 30 15.68 -20.61 19.21
N ALA B 31 15.94 -20.59 20.51
CA ALA B 31 16.65 -19.49 21.11
C ALA B 31 17.80 -19.04 20.18
N TYR B 32 18.62 -19.96 19.68
CA TYR B 32 19.70 -19.52 18.80
C TYR B 32 19.12 -18.85 17.58
N LYS B 33 18.29 -19.59 16.85
CA LYS B 33 17.85 -19.17 15.52
C LYS B 33 16.97 -17.94 15.57
N SER B 34 16.58 -17.53 16.77
CA SER B 34 15.73 -16.37 16.86
C SER B 34 16.48 -15.23 17.50
N ASN B 35 17.78 -15.38 17.63
CA ASN B 35 18.57 -14.49 18.46
C ASN B 35 17.71 -14.02 19.58
N LEU B 36 17.09 -14.93 20.33
CA LEU B 36 16.32 -14.55 21.54
C LEU B 36 16.64 -15.50 22.68
N ASP B 37 16.26 -15.19 23.92
CA ASP B 37 16.71 -15.99 25.12
C ASP B 37 15.87 -17.17 25.61
N ARG B 38 16.53 -18.30 25.84
CA ARG B 38 15.86 -19.56 26.23
C ARG B 38 14.68 -19.32 27.17
N THR B 39 14.97 -18.73 28.33
CA THR B 39 13.98 -18.41 29.35
C THR B 39 12.74 -17.64 28.86
N PHE B 40 12.87 -17.08 27.66
CA PHE B 40 11.80 -16.25 27.18
C PHE B 40 10.90 -17.10 26.33
N ILE B 41 11.53 -17.77 25.38
CA ILE B 41 10.85 -18.76 24.59
C ILE B 41 10.14 -19.71 25.59
N SER B 42 10.77 -19.98 26.75
CA SER B 42 10.13 -20.73 27.83
C SER B 42 8.87 -20.02 28.19
N GLY B 43 9.00 -18.78 28.68
CA GLY B 43 7.86 -18.01 29.20
C GLY B 43 6.66 -17.92 28.26
N ILE B 44 6.96 -17.66 26.99
CA ILE B 44 5.96 -17.54 25.96
C ILE B 44 5.19 -18.83 25.90
N GLU B 45 5.88 -19.89 25.45
CA GLU B 45 5.33 -21.23 25.31
C GLU B 45 4.63 -21.76 26.56
N ARG B 46 5.17 -21.45 27.72
CA ARG B 46 4.73 -22.14 28.91
C ARG B 46 3.75 -21.35 29.80
N ASN B 47 3.83 -20.02 29.84
CA ASN B 47 2.97 -19.26 30.79
C ASN B 47 2.40 -17.98 30.24
N SER B 48 1.99 -17.99 28.97
CA SER B 48 1.37 -16.85 28.28
C SER B 48 1.99 -15.52 28.65
N ARG B 49 3.32 -15.44 28.55
CA ARG B 49 4.01 -14.15 28.63
C ARG B 49 3.94 -13.54 27.24
N ASN B 50 4.04 -12.22 27.19
CA ASN B 50 3.51 -11.40 26.09
C ASN B 50 4.65 -10.92 25.19
N LEU B 51 4.80 -11.54 24.04
CA LEU B 51 5.89 -11.18 23.15
C LEU B 51 5.39 -9.99 22.38
N THR B 52 6.27 -9.36 21.61
CA THR B 52 5.84 -8.39 20.60
C THR B 52 5.86 -9.03 19.23
N ILE B 53 5.57 -8.21 18.22
CA ILE B 53 5.74 -8.54 16.80
C ILE B 53 7.20 -8.79 16.36
N LYS B 54 8.13 -7.88 16.70
CA LYS B 54 9.54 -8.08 16.25
C LYS B 54 10.05 -9.44 16.71
N SER B 55 9.67 -9.73 17.98
CA SER B 55 9.88 -11.02 18.68
C SER B 55 9.20 -12.10 17.88
N LEU B 56 7.90 -11.98 17.73
CA LEU B 56 7.19 -12.87 16.82
C LEU B 56 7.97 -13.06 15.51
N GLU B 57 8.02 -12.01 14.69
CA GLU B 57 8.72 -12.08 13.41
C GLU B 57 10.04 -12.86 13.47
N LEU B 58 10.89 -12.54 14.46
CA LEU B 58 12.16 -13.27 14.61
C LEU B 58 11.87 -14.74 14.73
N ILE B 59 10.90 -15.06 15.60
CA ILE B 59 10.51 -16.45 15.84
C ILE B 59 10.15 -17.20 14.53
N MET B 60 9.26 -16.62 13.76
CA MET B 60 8.95 -17.20 12.46
C MET B 60 10.25 -17.55 11.73
N LYS B 61 11.23 -16.66 11.78
CA LYS B 61 12.50 -16.89 11.08
C LYS B 61 13.26 -18.04 11.71
N GLY B 62 13.27 -18.09 13.04
CA GLY B 62 13.91 -19.18 13.79
C GLY B 62 13.33 -20.54 13.46
N LEU B 63 12.00 -20.56 13.28
CA LEU B 63 11.28 -21.75 12.83
C LEU B 63 11.48 -22.04 11.35
N GLU B 64 12.11 -21.09 10.63
CA GLU B 64 12.21 -21.07 9.16
C GLU B 64 10.81 -21.22 8.54
N VAL B 65 9.82 -20.59 9.19
CA VAL B 65 8.41 -20.60 8.77
C VAL B 65 8.07 -19.25 8.09
N SER B 66 7.57 -19.32 6.86
CA SER B 66 7.12 -18.12 6.17
C SER B 66 5.95 -17.52 6.94
N ASP B 67 5.96 -16.19 7.10
CA ASP B 67 4.95 -15.48 7.85
C ASP B 67 3.57 -15.97 7.44
N VAL B 68 3.30 -15.98 6.13
CA VAL B 68 2.02 -16.41 5.56
C VAL B 68 1.56 -17.72 6.23
N VAL B 69 2.38 -18.75 6.09
CA VAL B 69 2.15 -20.06 6.72
C VAL B 69 1.77 -19.94 8.21
N PHE B 70 2.54 -19.16 8.97
CA PHE B 70 2.34 -19.09 10.43
C PHE B 70 0.94 -18.60 10.75
N PHE B 71 0.51 -17.64 9.96
CA PHE B 71 -0.74 -16.98 10.21
C PHE B 71 -1.81 -17.89 9.73
N GLU B 72 -1.50 -18.61 8.64
CA GLU B 72 -2.47 -19.53 8.08
C GLU B 72 -2.78 -20.60 9.11
N MET B 73 -1.73 -21.29 9.56
CA MET B 73 -1.76 -22.28 10.65
C MET B 73 -2.46 -21.72 11.84
N LEU B 74 -2.02 -20.53 12.22
CA LEU B 74 -2.58 -19.84 13.35
C LEU B 74 -4.10 -19.76 13.25
N ILE B 75 -4.59 -19.20 12.14
CA ILE B 75 -6.03 -18.96 11.90
C ILE B 75 -6.82 -20.21 12.25
N LYS B 76 -6.39 -21.31 11.62
CA LYS B 76 -7.05 -22.57 11.75
C LYS B 76 -7.15 -23.00 13.22
N GLU B 77 -6.11 -22.68 13.98
CA GLU B 77 -6.09 -23.03 15.40
C GLU B 77 -7.01 -22.18 16.28
N ILE B 78 -7.52 -21.07 15.75
CA ILE B 78 -8.51 -20.26 16.46
C ILE B 78 -9.84 -20.98 16.35
N LEU B 79 -10.14 -21.36 15.11
CA LEU B 79 -11.42 -21.88 14.67
C LEU B 79 -11.85 -23.22 15.30
N LYS B 80 -10.97 -23.89 16.03
CA LYS B 80 -11.41 -25.02 16.85
C LYS B 80 -12.28 -24.44 17.97
N GLU E 5 4.94 25.41 -21.96
CA GLU E 5 4.53 24.61 -23.15
C GLU E 5 4.59 23.12 -22.85
N SER E 6 3.74 22.67 -21.91
CA SER E 6 4.06 21.47 -21.08
C SER E 6 4.70 20.21 -21.75
N PHE E 7 5.92 19.91 -21.33
CA PHE E 7 6.66 18.75 -21.84
C PHE E 7 5.89 17.44 -21.81
N LEU E 8 5.76 16.84 -20.62
CA LEU E 8 5.11 15.51 -20.48
C LEU E 8 3.70 15.53 -21.13
N LEU E 9 3.01 16.66 -21.08
CA LEU E 9 1.72 16.73 -21.72
C LEU E 9 1.83 16.34 -23.20
N SER E 10 2.82 16.92 -23.88
CA SER E 10 3.10 16.58 -25.29
C SER E 10 3.48 15.09 -25.49
N LYS E 11 4.31 14.56 -24.59
CA LYS E 11 4.66 13.12 -24.60
C LYS E 11 3.49 12.16 -24.28
N VAL E 12 2.31 12.72 -24.12
CA VAL E 12 1.12 11.89 -23.95
C VAL E 12 0.29 12.02 -25.21
N SER E 13 0.08 13.25 -25.69
CA SER E 13 -0.65 13.43 -26.96
C SER E 13 -0.02 12.58 -28.07
N PHE E 14 1.27 12.28 -27.89
CA PHE E 14 2.05 11.47 -28.84
C PHE E 14 1.71 9.98 -28.69
N VAL E 15 1.99 9.42 -27.52
CA VAL E 15 1.78 7.99 -27.28
C VAL E 15 0.35 7.48 -27.49
N ILE E 16 -0.63 8.36 -27.31
CA ILE E 16 -2.00 8.00 -27.64
C ILE E 16 -2.20 7.88 -29.15
N LYS E 17 -1.99 9.02 -29.86
CA LYS E 17 -2.12 9.11 -31.32
C LYS E 17 -1.39 7.97 -32.00
N LYS E 18 -0.28 7.58 -31.39
CA LYS E 18 0.44 6.41 -31.85
C LYS E 18 -0.42 5.19 -31.66
N ILE E 19 -0.70 4.76 -30.41
CA ILE E 19 -1.39 3.46 -30.25
C ILE E 19 -2.68 3.42 -31.05
N ARG E 20 -3.24 4.59 -31.25
CA ARG E 20 -4.42 4.68 -32.08
C ARG E 20 -4.19 4.08 -33.49
N LEU E 21 -3.23 4.66 -34.23
CA LEU E 21 -3.06 4.36 -35.66
C LEU E 21 -2.54 2.94 -35.77
N GLU E 22 -1.79 2.58 -34.75
CA GLU E 22 -1.30 1.25 -34.56
C GLU E 22 -2.41 0.20 -34.45
N LYS E 23 -3.66 0.62 -34.24
CA LYS E 23 -4.85 -0.29 -34.39
C LYS E 23 -5.87 0.22 -35.43
N GLY E 24 -5.45 1.24 -36.18
CA GLY E 24 -6.25 1.90 -37.22
C GLY E 24 -7.63 2.27 -36.77
N MET E 25 -7.76 3.09 -35.72
CA MET E 25 -9.06 3.56 -35.26
C MET E 25 -9.15 4.97 -35.71
N THR E 26 -10.34 5.40 -36.15
CA THR E 26 -10.47 6.81 -36.47
C THR E 26 -10.68 7.51 -35.14
N GLN E 27 -10.52 8.82 -35.08
CA GLN E 27 -10.90 9.48 -33.84
C GLN E 27 -12.30 9.03 -33.38
N GLU E 28 -13.32 9.25 -34.22
CA GLU E 28 -14.70 8.83 -33.90
C GLU E 28 -14.76 7.39 -33.31
N ASP E 29 -13.76 6.56 -33.60
CA ASP E 29 -13.71 5.21 -33.06
C ASP E 29 -13.42 5.23 -31.56
N LEU E 30 -12.31 5.85 -31.19
CA LEU E 30 -11.81 5.96 -29.81
C LEU E 30 -12.74 6.83 -29.01
N ALA E 31 -13.20 7.91 -29.66
CA ALA E 31 -14.08 8.84 -28.99
C ALA E 31 -15.34 8.09 -28.63
N TYR E 32 -15.59 7.00 -29.33
CA TYR E 32 -16.72 6.15 -28.98
C TYR E 32 -16.37 5.11 -27.90
N LYS E 33 -15.15 4.64 -27.89
CA LYS E 33 -14.81 3.67 -26.89
C LYS E 33 -14.38 4.42 -25.62
N SER E 34 -14.42 5.73 -25.71
CA SER E 34 -13.95 6.50 -24.61
C SER E 34 -15.07 7.09 -23.80
N ASN E 35 -16.19 7.34 -24.45
CA ASN E 35 -17.25 8.06 -23.80
C ASN E 35 -16.90 9.53 -23.88
N LEU E 36 -15.70 9.84 -24.40
CA LEU E 36 -15.24 11.23 -24.60
C LEU E 36 -15.59 11.76 -25.99
N ASP E 37 -15.65 13.08 -26.14
CA ASP E 37 -16.00 13.64 -27.45
C ASP E 37 -14.87 13.64 -28.43
N ARG E 38 -15.22 13.38 -29.69
CA ARG E 38 -14.31 13.45 -30.82
C ARG E 38 -13.52 14.73 -30.72
N THR E 39 -14.24 15.80 -30.46
CA THR E 39 -13.64 17.11 -30.42
C THR E 39 -12.62 17.26 -29.27
N PHE E 40 -12.77 16.48 -28.21
CA PHE E 40 -11.83 16.52 -27.08
C PHE E 40 -10.59 15.74 -27.47
N ILE E 41 -10.81 14.55 -28.01
CA ILE E 41 -9.71 13.71 -28.43
C ILE E 41 -8.75 14.47 -29.30
N SER E 42 -9.22 14.88 -30.49
CA SER E 42 -8.45 15.73 -31.39
C SER E 42 -7.68 16.81 -30.63
N GLY E 43 -8.42 17.60 -29.84
CA GLY E 43 -7.83 18.66 -29.03
C GLY E 43 -6.57 18.25 -28.30
N ILE E 44 -6.55 17.02 -27.76
CA ILE E 44 -5.40 16.49 -27.02
C ILE E 44 -4.29 16.19 -27.99
N GLU E 45 -4.65 15.49 -29.07
CA GLU E 45 -3.68 15.05 -30.07
C GLU E 45 -3.05 16.28 -30.71
N ARG E 46 -3.86 17.29 -31.02
CA ARG E 46 -3.34 18.51 -31.61
C ARG E 46 -2.68 19.38 -30.57
N ASN E 47 -3.49 20.05 -29.76
CA ASN E 47 -2.98 21.13 -28.88
C ASN E 47 -2.23 20.68 -27.63
N SER E 48 -2.30 19.37 -27.36
CA SER E 48 -1.68 18.80 -26.17
C SER E 48 -2.48 19.16 -24.93
N ARG E 49 -3.81 19.26 -25.05
CA ARG E 49 -4.74 19.56 -23.96
C ARG E 49 -4.42 18.78 -22.70
N ASN E 50 -4.81 19.34 -21.54
CA ASN E 50 -4.39 18.76 -20.27
C ASN E 50 -5.49 17.95 -19.72
N LEU E 51 -5.57 16.68 -20.07
CA LEU E 51 -6.58 15.81 -19.49
C LEU E 51 -6.45 15.41 -17.96
N THR E 52 -7.36 14.54 -17.54
CA THR E 52 -7.37 13.98 -16.17
C THR E 52 -7.00 12.58 -16.32
N ILE E 53 -6.61 11.98 -15.21
CA ILE E 53 -6.27 10.56 -15.14
C ILE E 53 -7.52 9.75 -15.45
N LYS E 54 -8.70 10.21 -15.02
CA LYS E 54 -9.94 9.48 -15.36
C LYS E 54 -10.08 9.35 -16.86
N SER E 55 -10.07 10.51 -17.54
CA SER E 55 -10.07 10.66 -19.02
C SER E 55 -9.00 9.81 -19.63
N LEU E 56 -7.78 9.97 -19.17
CA LEU E 56 -6.75 9.11 -19.71
C LEU E 56 -7.21 7.66 -19.58
N GLU E 57 -7.59 7.24 -18.36
CA GLU E 57 -7.76 5.82 -18.03
C GLU E 57 -8.85 5.21 -18.85
N LEU E 58 -9.87 6.04 -19.10
CA LEU E 58 -10.83 5.75 -20.14
C LEU E 58 -10.04 5.52 -21.41
N ILE E 59 -9.32 6.55 -21.89
CA ILE E 59 -8.73 6.45 -23.25
C ILE E 59 -7.95 5.15 -23.46
N MET E 60 -7.03 4.84 -22.57
CA MET E 60 -6.46 3.49 -22.49
C MET E 60 -7.46 2.33 -22.48
N LYS E 61 -8.63 2.48 -21.87
CA LYS E 61 -9.65 1.44 -21.98
C LYS E 61 -9.98 1.35 -23.42
N GLY E 62 -10.16 2.52 -24.02
CA GLY E 62 -10.58 2.64 -25.43
C GLY E 62 -9.63 2.00 -26.42
N LEU E 63 -8.37 2.40 -26.33
CA LEU E 63 -7.28 1.80 -27.07
C LEU E 63 -7.15 0.29 -26.90
N GLU E 64 -7.85 -0.26 -25.90
CA GLU E 64 -7.66 -1.64 -25.39
C GLU E 64 -6.16 -2.01 -25.24
N VAL E 65 -5.45 -1.11 -24.55
CA VAL E 65 -4.09 -1.33 -24.09
C VAL E 65 -4.10 -1.36 -22.56
N SER E 66 -3.30 -2.22 -21.95
CA SER E 66 -3.13 -2.15 -20.48
C SER E 66 -2.18 -1.00 -20.07
N ASP E 67 -2.48 -0.39 -18.93
CA ASP E 67 -1.68 0.69 -18.40
C ASP E 67 -0.21 0.33 -18.46
N VAL E 68 0.12 -0.83 -17.91
CA VAL E 68 1.47 -1.33 -17.86
C VAL E 68 2.14 -1.09 -19.20
N VAL E 69 1.36 -1.22 -20.26
CA VAL E 69 1.88 -1.09 -21.62
C VAL E 69 1.92 0.37 -22.04
N PHE E 70 0.86 1.11 -21.76
CA PHE E 70 0.80 2.52 -22.10
C PHE E 70 2.01 3.20 -21.51
N PHE E 71 2.31 2.88 -20.26
CA PHE E 71 3.38 3.56 -19.56
C PHE E 71 4.77 3.09 -20.04
N GLU E 72 4.95 1.77 -20.14
CA GLU E 72 6.21 1.19 -20.62
C GLU E 72 6.49 1.92 -21.91
N MET E 73 5.47 1.98 -22.76
CA MET E 73 5.52 2.69 -24.04
C MET E 73 5.88 4.16 -23.90
N LEU E 74 5.26 4.82 -22.91
CA LEU E 74 5.51 6.24 -22.59
C LEU E 74 6.96 6.44 -22.13
N ILE E 75 7.39 5.65 -21.16
CA ILE E 75 8.77 5.75 -20.64
C ILE E 75 9.78 5.95 -21.79
N LYS E 76 9.68 5.08 -22.81
CA LYS E 76 10.54 5.15 -23.98
C LYS E 76 10.59 6.52 -24.65
N GLU E 77 9.44 7.14 -24.86
CA GLU E 77 9.47 8.36 -25.62
C GLU E 77 9.96 9.60 -24.83
N ILE E 78 10.20 9.44 -23.52
CA ILE E 78 10.93 10.47 -22.76
C ILE E 78 12.45 10.32 -22.90
N LEU E 79 12.98 9.11 -22.67
CA LEU E 79 14.39 8.81 -22.90
C LEU E 79 14.64 9.01 -24.37
N LYS E 80 14.67 10.28 -24.78
CA LYS E 80 14.60 10.66 -26.19
C LYS E 80 15.60 11.74 -26.53
N HIS E 81 16.88 11.43 -26.29
CA HIS E 81 18.03 12.33 -26.50
C HIS E 81 18.31 12.68 -27.97
N GLU F 5 -15.78 3.92 -8.02
CA GLU F 5 -14.30 4.10 -7.79
C GLU F 5 -13.48 3.60 -8.99
N SER F 6 -12.30 4.19 -9.17
CA SER F 6 -11.43 4.01 -10.34
C SER F 6 -10.07 3.49 -9.93
N PHE F 7 -9.63 2.43 -10.60
CA PHE F 7 -8.42 1.69 -10.24
C PHE F 7 -7.08 2.43 -10.31
N LEU F 8 -6.67 2.83 -11.52
CA LEU F 8 -5.45 3.62 -11.75
C LEU F 8 -5.27 4.79 -10.74
N LEU F 9 -6.36 5.50 -10.53
CA LEU F 9 -6.37 6.77 -9.82
C LEU F 9 -6.08 6.65 -8.35
N SER F 10 -6.30 5.46 -7.78
CA SER F 10 -5.92 5.24 -6.40
C SER F 10 -4.44 4.88 -6.40
N LYS F 11 -4.07 3.79 -7.11
CA LYS F 11 -2.65 3.46 -7.35
C LYS F 11 -1.82 4.76 -7.41
N VAL F 12 -2.23 5.73 -8.28
CA VAL F 12 -1.44 6.97 -8.45
C VAL F 12 -1.22 7.70 -7.14
N SER F 13 -2.30 7.96 -6.43
CA SER F 13 -2.17 8.56 -5.09
C SER F 13 -1.24 7.71 -4.22
N PHE F 14 -1.45 6.39 -4.28
CA PHE F 14 -0.70 5.44 -3.41
C PHE F 14 0.80 5.56 -3.56
N VAL F 15 1.24 5.97 -4.74
CA VAL F 15 2.62 6.34 -4.98
C VAL F 15 2.92 7.71 -4.41
N ILE F 16 2.16 8.72 -4.79
CA ILE F 16 2.52 10.07 -4.36
C ILE F 16 2.70 10.09 -2.86
N LYS F 17 1.75 9.45 -2.14
CA LYS F 17 1.84 9.24 -0.68
C LYS F 17 3.13 8.51 -0.32
N LYS F 18 3.33 7.33 -0.90
CA LYS F 18 4.56 6.57 -0.66
C LYS F 18 5.85 7.42 -0.79
N ILE F 19 6.09 8.01 -1.96
CA ILE F 19 7.18 8.94 -2.18
C ILE F 19 7.19 10.08 -1.14
N ARG F 20 6.13 10.88 -1.04
CA ARG F 20 6.12 11.99 -0.05
C ARG F 20 6.65 11.55 1.31
N LEU F 21 6.35 10.31 1.71
CA LEU F 21 6.81 9.71 2.98
C LEU F 21 8.28 9.33 3.07
N GLU F 22 8.83 8.88 1.95
CA GLU F 22 10.18 8.31 1.85
C GLU F 22 11.44 9.02 2.43
N LYS F 23 11.82 10.30 2.16
CA LYS F 23 11.12 11.39 1.51
C LYS F 23 10.14 11.93 2.52
N GLY F 24 10.66 12.67 3.49
CA GLY F 24 9.88 12.91 4.72
C GLY F 24 9.02 14.15 4.72
N MET F 25 8.32 14.38 3.63
CA MET F 25 7.74 15.66 3.32
C MET F 25 6.37 15.86 3.96
N THR F 26 6.03 17.08 4.28
CA THR F 26 4.68 17.41 4.73
C THR F 26 3.82 17.81 3.55
N GLN F 27 2.52 17.58 3.68
CA GLN F 27 1.66 17.84 2.57
C GLN F 27 1.95 19.27 2.12
N GLU F 28 2.00 20.20 3.09
CA GLU F 28 2.30 21.64 2.87
C GLU F 28 3.63 21.83 2.13
N ASP F 29 4.66 21.11 2.58
CA ASP F 29 5.96 21.07 1.92
C ASP F 29 5.76 20.85 0.45
N LEU F 30 5.28 19.65 0.11
CA LEU F 30 5.01 19.27 -1.27
C LEU F 30 4.19 20.32 -2.01
N ALA F 31 3.04 20.68 -1.47
CA ALA F 31 2.23 21.65 -2.14
C ALA F 31 2.96 22.98 -2.31
N TYR F 32 3.87 23.33 -1.39
CA TYR F 32 4.70 24.54 -1.62
C TYR F 32 5.58 24.37 -2.88
N LYS F 33 6.19 23.19 -3.02
CA LYS F 33 7.05 22.85 -4.14
C LYS F 33 6.29 22.80 -5.46
N SER F 34 5.07 22.24 -5.42
CA SER F 34 4.31 21.91 -6.61
C SER F 34 3.45 23.09 -7.06
N ASN F 35 3.45 24.14 -6.27
CA ASN F 35 2.61 25.30 -6.53
C ASN F 35 1.16 24.87 -6.75
N LEU F 36 0.63 24.27 -5.68
CA LEU F 36 -0.69 23.68 -5.59
C LEU F 36 -1.14 23.95 -4.17
N ASP F 37 -2.46 24.05 -3.98
CA ASP F 37 -3.04 24.16 -2.63
C ASP F 37 -2.88 22.89 -1.82
N ARG F 38 -2.61 23.09 -0.53
CA ARG F 38 -2.30 21.96 0.32
C ARG F 38 -3.48 21.06 0.29
N THR F 39 -4.64 21.69 0.32
CA THR F 39 -5.86 20.96 0.49
C THR F 39 -5.89 19.92 -0.62
N PHE F 40 -5.82 20.39 -1.86
CA PHE F 40 -5.81 19.55 -3.05
C PHE F 40 -5.07 18.27 -2.77
N ILE F 41 -3.78 18.43 -2.50
CA ILE F 41 -2.92 17.29 -2.16
C ILE F 41 -3.66 16.31 -1.23
N SER F 42 -3.98 16.74 0.00
CA SER F 42 -4.80 15.92 0.87
C SER F 42 -5.88 15.10 0.11
N GLY F 43 -6.77 15.77 -0.63
CA GLY F 43 -7.76 15.05 -1.43
C GLY F 43 -7.23 13.96 -2.36
N ILE F 44 -6.18 14.29 -3.10
CA ILE F 44 -5.48 13.28 -3.92
C ILE F 44 -5.07 12.07 -3.13
N GLU F 45 -4.43 12.25 -1.97
CA GLU F 45 -3.93 11.12 -1.16
C GLU F 45 -5.06 10.42 -0.40
N ARG F 46 -5.96 11.23 0.12
CA ARG F 46 -6.95 10.75 1.06
C ARG F 46 -7.98 10.09 0.26
N ASN F 47 -8.64 10.91 -0.55
CA ASN F 47 -9.95 10.61 -1.12
C ASN F 47 -9.94 10.08 -2.53
N SER F 48 -8.73 9.97 -3.08
CA SER F 48 -8.54 9.69 -4.50
C SER F 48 -9.10 10.70 -5.52
N ARG F 49 -9.29 11.95 -5.09
CA ARG F 49 -9.54 13.03 -6.02
C ARG F 49 -8.70 12.78 -7.27
N ASN F 50 -9.26 13.19 -8.41
CA ASN F 50 -8.64 12.98 -9.68
C ASN F 50 -8.05 14.30 -10.16
N LEU F 51 -6.81 14.24 -10.57
CA LEU F 51 -6.08 15.42 -11.01
C LEU F 51 -5.84 15.30 -12.49
N THR F 52 -5.24 16.34 -13.04
CA THR F 52 -4.89 16.34 -14.45
C THR F 52 -3.45 15.89 -14.54
N ILE F 53 -2.84 16.14 -15.70
CA ILE F 53 -1.44 15.87 -15.95
C ILE F 53 -0.54 17.09 -15.61
N LYS F 54 -0.94 18.28 -16.07
CA LYS F 54 -0.18 19.50 -15.74
C LYS F 54 -0.08 19.67 -14.23
N SER F 55 -0.83 18.85 -13.52
CA SER F 55 -0.80 18.83 -12.07
C SER F 55 0.02 17.70 -11.55
N LEU F 56 -0.06 16.59 -12.26
CA LEU F 56 0.82 15.50 -12.05
C LEU F 56 2.24 15.90 -12.41
N GLU F 57 2.44 16.56 -13.56
CA GLU F 57 3.82 17.02 -13.91
C GLU F 57 4.42 17.86 -12.79
N LEU F 58 3.73 18.94 -12.42
CA LEU F 58 4.06 19.76 -11.25
C LEU F 58 4.22 19.03 -9.90
N ILE F 59 3.78 17.77 -9.78
CA ILE F 59 3.88 17.09 -8.50
C ILE F 59 5.17 16.38 -8.48
N MET F 60 5.57 15.93 -9.65
CA MET F 60 6.83 15.21 -9.79
C MET F 60 8.05 16.13 -9.51
N LYS F 61 8.26 17.19 -10.32
CA LYS F 61 9.21 18.25 -10.01
C LYS F 61 9.11 18.53 -8.54
N GLY F 62 7.91 18.93 -8.08
CA GLY F 62 7.64 19.11 -6.65
C GLY F 62 8.33 18.08 -5.73
N LEU F 63 8.11 16.80 -5.98
CA LEU F 63 8.64 15.73 -5.15
C LEU F 63 10.08 15.49 -5.51
N GLU F 64 10.56 16.31 -6.44
CA GLU F 64 11.87 16.15 -7.09
C GLU F 64 12.16 14.72 -7.61
N VAL F 65 11.30 14.25 -8.52
CA VAL F 65 11.51 12.98 -9.24
C VAL F 65 11.16 13.17 -10.74
N SER F 66 11.94 12.52 -11.60
CA SER F 66 11.74 12.61 -13.05
C SER F 66 10.50 11.84 -13.45
N ASP F 67 9.72 12.45 -14.33
CA ASP F 67 8.48 11.85 -14.82
C ASP F 67 8.69 10.33 -15.05
N VAL F 68 9.94 9.94 -15.19
CA VAL F 68 10.26 8.61 -15.65
C VAL F 68 10.39 7.62 -14.51
N VAL F 69 11.04 8.09 -13.45
CA VAL F 69 11.22 7.29 -12.24
C VAL F 69 9.87 7.11 -11.53
N PHE F 70 8.87 7.88 -11.95
CA PHE F 70 7.58 7.87 -11.28
C PHE F 70 6.71 6.81 -11.92
N PHE F 71 6.95 6.52 -13.18
CA PHE F 71 6.05 5.63 -13.86
C PHE F 71 6.39 4.19 -13.57
N GLU F 72 7.67 3.92 -13.37
CA GLU F 72 8.11 2.54 -13.15
C GLU F 72 7.58 2.10 -11.82
N MET F 73 7.81 2.97 -10.82
CA MET F 73 7.36 2.78 -9.47
C MET F 73 5.88 2.49 -9.47
N LEU F 74 5.19 3.23 -10.35
CA LEU F 74 3.77 3.05 -10.64
C LEU F 74 3.47 1.64 -11.15
N ILE F 75 4.04 1.31 -12.32
CA ILE F 75 3.89 -0.01 -12.99
C ILE F 75 4.17 -1.22 -12.08
N LYS F 76 5.18 -1.07 -11.22
CA LYS F 76 5.44 -2.05 -10.16
C LYS F 76 4.19 -2.26 -9.31
N GLU F 77 3.64 -1.14 -8.79
CA GLU F 77 2.53 -1.17 -7.88
C GLU F 77 1.28 -1.65 -8.56
N ILE F 78 1.17 -1.33 -9.85
CA ILE F 78 -0.03 -1.64 -10.61
C ILE F 78 -0.23 -3.14 -10.66
N LEU F 79 0.89 -3.86 -10.63
CA LEU F 79 0.82 -5.27 -10.88
C LEU F 79 0.11 -6.10 -9.79
N LYS F 80 -0.16 -5.45 -8.65
CA LYS F 80 -1.07 -5.95 -7.59
C LYS F 80 -0.85 -7.42 -7.19
#